data_3LCC
#
_entry.id   3LCC
#
_cell.length_a   54.430
_cell.length_b   54.430
_cell.length_c   263.500
_cell.angle_alpha   90.000
_cell.angle_beta   90.000
_cell.angle_gamma   120.000
#
_symmetry.space_group_name_H-M   'P 65 2 2'
#
loop_
_entity.id
_entity.type
_entity.pdbx_description
1 polymer 'Putative methyl chloride transferase'
2 non-polymer S-ADENOSYL-L-HOMOCYSTEINE
3 non-polymer 'CHLORIDE ION'
4 water water
#
_entity_poly.entity_id   1
_entity_poly.type   'polypeptide(L)'
_entity_poly.pdbx_seq_one_letter_code
;MAEEQQNSDQSNGGNVIPTPEEVATFLHKTVEEGGWEKCWEEEITPWDQGRATPLIVHLVDTSSLPLGRALVPGCGGGHD
VVAMASPERFVVGLDISESALAKANETYGSSPKAEYFSFVKEDVFTWRPTELFDLIFDYVFFCAIEPEMRPAWAKSMYEL
LKPDGELITLMYPITDHVGGPPYKVDVSTFEEVLVPIGFKAVSVEENPHAIPTRKGKEKLGRWKKINLEHHHHHH
;
_entity_poly.pdbx_strand_id   A
#
# COMPACT_ATOMS: atom_id res chain seq x y z
N GLY A 13 0.59 -15.20 -15.73
CA GLY A 13 0.72 -16.35 -14.78
C GLY A 13 1.40 -15.95 -13.48
N GLY A 14 0.66 -15.22 -12.65
CA GLY A 14 1.24 -14.57 -11.47
C GLY A 14 1.07 -15.27 -10.13
N ASN A 15 0.62 -16.53 -10.15
CA ASN A 15 0.36 -17.26 -8.91
C ASN A 15 1.62 -17.97 -8.38
N VAL A 16 2.64 -17.18 -8.07
CA VAL A 16 3.98 -17.68 -7.74
C VAL A 16 4.45 -17.31 -6.33
N ILE A 17 3.60 -16.62 -5.56
CA ILE A 17 3.97 -16.19 -4.20
C ILE A 17 3.05 -16.86 -3.18
N PRO A 18 3.51 -16.96 -1.91
CA PRO A 18 2.73 -17.67 -0.91
C PRO A 18 1.50 -16.91 -0.48
N THR A 19 0.52 -17.64 0.05
CA THR A 19 -0.62 -17.02 0.69
C THR A 19 -0.14 -16.19 1.89
N PRO A 20 -0.94 -15.20 2.30
CA PRO A 20 -0.59 -14.43 3.50
C PRO A 20 -0.41 -15.33 4.72
N GLU A 21 -1.23 -16.37 4.78
CA GLU A 21 -1.16 -17.33 5.90
C GLU A 21 0.21 -18.05 5.96
N GLU A 22 0.74 -18.41 4.80
CA GLU A 22 2.09 -18.99 4.75
C GLU A 22 3.17 -17.96 5.09
N VAL A 23 3.07 -16.76 4.52
CA VAL A 23 4.08 -15.72 4.78
C VAL A 23 4.19 -15.47 6.31
N ALA A 24 3.06 -15.44 6.98
CA ALA A 24 2.99 -15.12 8.41
C ALA A 24 3.76 -16.12 9.30
N THR A 25 3.97 -17.34 8.80
CA THR A 25 4.73 -18.35 9.55
C THR A 25 6.24 -18.04 9.68
N PHE A 26 6.81 -17.28 8.74
CA PHE A 26 8.27 -17.04 8.74
C PHE A 26 8.75 -15.60 8.64
N LEU A 27 7.98 -14.72 8.01
CA LEU A 27 8.45 -13.36 7.75
C LEU A 27 8.90 -12.65 9.03
N HIS A 28 8.13 -12.78 10.12
CA HIS A 28 8.47 -12.12 11.38
C HIS A 28 9.90 -12.43 11.82
N LYS A 29 10.41 -13.60 11.47
CA LYS A 29 11.74 -14.01 11.93
C LYS A 29 12.81 -13.05 11.40
N THR A 30 12.68 -12.62 10.15
CA THR A 30 13.68 -11.70 9.57
C THR A 30 13.39 -10.26 9.98
N VAL A 31 12.11 -9.89 9.99
CA VAL A 31 11.75 -8.52 10.38
C VAL A 31 12.26 -8.28 11.82
N GLU A 32 12.12 -9.27 12.70
CA GLU A 32 12.60 -9.15 14.08
C GLU A 32 14.13 -9.13 14.19
N GLU A 33 14.81 -9.74 13.23
CA GLU A 33 16.28 -9.83 13.27
C GLU A 33 16.95 -8.59 12.75
N GLY A 34 16.47 -8.08 11.63
CA GLY A 34 17.13 -6.98 10.93
C GLY A 34 16.18 -6.04 10.21
N GLY A 35 14.90 -6.11 10.55
CA GLY A 35 13.92 -5.20 10.01
C GLY A 35 13.59 -5.48 8.57
N TRP A 36 12.73 -4.64 8.02
CA TRP A 36 12.36 -4.72 6.61
C TRP A 36 13.58 -4.58 5.69
N GLU A 37 14.57 -3.78 6.09
CA GLU A 37 15.78 -3.64 5.28
C GLU A 37 16.49 -5.00 5.08
N LYS A 38 16.60 -5.79 6.14
CA LYS A 38 17.21 -7.13 6.03
C LYS A 38 16.43 -8.04 5.07
N CYS A 39 15.09 -7.96 5.13
CA CYS A 39 14.24 -8.70 4.20
C CYS A 39 14.61 -8.37 2.76
N TRP A 40 14.71 -7.08 2.48
CA TRP A 40 15.02 -6.62 1.13
C TRP A 40 16.46 -7.00 0.74
N GLU A 41 17.41 -6.85 1.65
CA GLU A 41 18.80 -7.20 1.36
C GLU A 41 18.94 -8.69 1.02
N GLU A 42 18.20 -9.52 1.73
CA GLU A 42 18.27 -10.97 1.60
C GLU A 42 17.30 -11.54 0.57
N GLU A 43 16.55 -10.66 -0.09
CA GLU A 43 15.51 -11.05 -1.07
C GLU A 43 14.45 -11.97 -0.43
N ILE A 44 14.17 -11.75 0.84
CA ILE A 44 13.06 -12.40 1.52
C ILE A 44 11.88 -11.43 1.40
N THR A 45 11.21 -11.48 0.25
CA THR A 45 10.15 -10.52 -0.09
C THR A 45 8.90 -11.25 -0.59
N PRO A 46 8.35 -12.15 0.23
CA PRO A 46 7.27 -13.03 -0.24
C PRO A 46 5.92 -12.34 -0.52
N TRP A 47 5.74 -11.11 -0.07
CA TRP A 47 4.59 -10.27 -0.41
C TRP A 47 4.64 -9.72 -1.84
N ASP A 48 5.84 -9.68 -2.43
CA ASP A 48 6.06 -8.96 -3.68
C ASP A 48 5.56 -9.75 -4.89
N GLN A 49 4.63 -9.14 -5.62
CA GLN A 49 3.99 -9.82 -6.75
C GLN A 49 4.84 -9.90 -8.01
N GLY A 50 5.96 -9.17 -8.03
CA GLY A 50 6.85 -9.17 -9.20
C GLY A 50 6.30 -8.34 -10.35
N ARG A 51 5.24 -7.59 -10.08
CA ARG A 51 4.52 -6.83 -11.13
C ARG A 51 3.46 -5.98 -10.44
N ALA A 52 2.88 -5.05 -11.18
CA ALA A 52 1.78 -4.25 -10.66
C ALA A 52 0.60 -5.16 -10.26
N THR A 53 -0.06 -4.77 -9.17
CA THR A 53 -1.29 -5.43 -8.70
C THR A 53 -2.36 -5.40 -9.79
N PRO A 54 -2.90 -6.57 -10.17
CA PRO A 54 -3.86 -6.58 -11.28
C PRO A 54 -5.03 -5.59 -11.13
N LEU A 55 -5.57 -5.46 -9.92
CA LEU A 55 -6.63 -4.46 -9.70
C LEU A 55 -6.17 -3.06 -10.06
N ILE A 56 -4.94 -2.70 -9.67
CA ILE A 56 -4.42 -1.37 -9.99
C ILE A 56 -4.29 -1.15 -11.48
N VAL A 57 -3.78 -2.14 -12.21
CA VAL A 57 -3.67 -2.03 -13.67
C VAL A 57 -5.05 -1.81 -14.29
N HIS A 58 -6.04 -2.56 -13.81
CA HIS A 58 -7.41 -2.43 -14.27
C HIS A 58 -7.99 -1.04 -13.97
N LEU A 59 -7.86 -0.58 -12.75
CA LEU A 59 -8.39 0.74 -12.38
C LEU A 59 -7.68 1.86 -13.14
N VAL A 60 -6.37 1.76 -13.33
CA VAL A 60 -5.66 2.77 -14.12
C VAL A 60 -6.14 2.81 -15.57
N ASP A 61 -6.28 1.65 -16.19
N ASP A 61 -6.24 1.63 -16.20
CA ASP A 61 -6.63 1.58 -17.60
CA ASP A 61 -6.67 1.52 -17.59
C ASP A 61 -8.11 1.87 -17.89
C ASP A 61 -8.07 2.08 -17.82
N THR A 62 -8.96 1.86 -16.86
CA THR A 62 -10.36 2.27 -16.99
C THR A 62 -10.65 3.67 -16.41
N SER A 63 -9.58 4.41 -16.07
CA SER A 63 -9.68 5.75 -15.48
C SER A 63 -10.51 5.78 -14.20
N SER A 64 -10.34 4.74 -13.39
CA SER A 64 -11.13 4.56 -12.16
C SER A 64 -10.32 4.90 -10.91
N LEU A 65 -9.14 5.47 -11.09
CA LEU A 65 -8.37 6.05 -9.99
C LEU A 65 -8.34 7.55 -10.20
N PRO A 66 -8.55 8.33 -9.14
CA PRO A 66 -8.43 9.79 -9.28
C PRO A 66 -7.05 10.22 -9.79
N LEU A 67 -7.04 11.30 -10.56
CA LEU A 67 -5.82 12.00 -10.93
C LEU A 67 -5.36 12.88 -9.75
N GLY A 68 -4.20 13.50 -9.90
CA GLY A 68 -3.65 14.42 -8.90
C GLY A 68 -2.38 13.88 -8.26
N ARG A 69 -2.15 14.25 -7.01
CA ARG A 69 -0.98 13.78 -6.26
C ARG A 69 -1.37 12.53 -5.47
N ALA A 70 -0.62 11.44 -5.68
CA ALA A 70 -0.91 10.16 -5.03
C ALA A 70 0.27 9.70 -4.20
N LEU A 71 -0.07 9.02 -3.11
CA LEU A 71 0.92 8.41 -2.22
C LEU A 71 0.68 6.91 -2.11
N VAL A 72 1.77 6.15 -2.17
CA VAL A 72 1.73 4.72 -1.93
C VAL A 72 2.63 4.42 -0.73
N PRO A 73 2.03 4.31 0.47
CA PRO A 73 2.81 4.05 1.67
C PRO A 73 3.35 2.61 1.69
N GLY A 74 4.58 2.44 2.18
CA GLY A 74 5.19 1.12 2.21
C GLY A 74 5.20 0.49 0.83
N CYS A 75 5.73 1.23 -0.14
CA CYS A 75 5.60 0.86 -1.53
C CYS A 75 6.42 -0.35 -1.95
N GLY A 76 7.44 -0.70 -1.17
CA GLY A 76 8.26 -1.85 -1.50
C GLY A 76 8.92 -1.71 -2.85
N GLY A 77 8.77 -2.73 -3.70
CA GLY A 77 9.39 -2.74 -5.03
C GLY A 77 8.84 -1.76 -6.04
N GLY A 78 7.75 -1.10 -5.69
CA GLY A 78 7.28 0.10 -6.38
C GLY A 78 6.45 -0.14 -7.62
N HIS A 79 6.02 -1.37 -7.83
CA HIS A 79 5.33 -1.72 -9.07
C HIS A 79 4.07 -0.87 -9.27
N ASP A 80 3.29 -0.73 -8.20
CA ASP A 80 2.03 0.02 -8.28
C ASP A 80 2.23 1.53 -8.42
N VAL A 81 3.31 2.05 -7.86
CA VAL A 81 3.71 3.44 -8.03
C VAL A 81 3.86 3.76 -9.50
N VAL A 82 4.56 2.88 -10.20
CA VAL A 82 4.90 3.13 -11.61
C VAL A 82 3.67 2.93 -12.49
N ALA A 83 2.84 1.95 -12.15
CA ALA A 83 1.60 1.72 -12.89
C ALA A 83 0.65 2.90 -12.78
N MET A 84 0.64 3.56 -11.62
CA MET A 84 -0.26 4.69 -11.37
C MET A 84 0.27 6.01 -11.92
N ALA A 85 1.59 6.10 -12.09
CA ALA A 85 2.20 7.35 -12.55
C ALA A 85 1.75 7.70 -13.98
N SER A 86 1.48 8.99 -14.19
CA SER A 86 1.12 9.52 -15.50
C SER A 86 1.37 11.01 -15.51
N PRO A 87 1.29 11.66 -16.70
CA PRO A 87 1.44 13.11 -16.77
C PRO A 87 0.49 13.90 -15.88
N GLU A 88 -0.63 13.29 -15.48
CA GLU A 88 -1.63 13.94 -14.63
C GLU A 88 -1.80 13.28 -13.27
N ARG A 89 -0.98 12.29 -12.97
CA ARG A 89 -1.02 11.64 -11.66
C ARG A 89 0.41 11.46 -11.18
N PHE A 90 0.85 12.32 -10.28
CA PHE A 90 2.21 12.30 -9.78
C PHE A 90 2.20 11.43 -8.55
N VAL A 91 3.06 10.41 -8.52
CA VAL A 91 2.99 9.40 -7.48
C VAL A 91 4.26 9.37 -6.62
N VAL A 92 4.08 9.48 -5.31
CA VAL A 92 5.18 9.28 -4.37
C VAL A 92 5.10 7.88 -3.78
N GLY A 93 6.20 7.12 -3.90
CA GLY A 93 6.34 5.83 -3.26
C GLY A 93 7.18 6.00 -2.01
N LEU A 94 6.64 5.65 -0.85
CA LEU A 94 7.32 5.81 0.43
C LEU A 94 7.73 4.45 0.98
N ASP A 95 9.01 4.30 1.25
CA ASP A 95 9.48 3.12 1.95
C ASP A 95 10.67 3.48 2.81
N ILE A 96 10.77 2.86 3.98
CA ILE A 96 11.91 3.04 4.88
C ILE A 96 13.15 2.22 4.53
N SER A 97 13.03 1.25 3.62
CA SER A 97 14.14 0.37 3.25
C SER A 97 14.92 0.91 2.06
N GLU A 98 16.19 1.24 2.31
CA GLU A 98 17.11 1.66 1.22
C GLU A 98 17.17 0.60 0.10
N SER A 99 17.25 -0.66 0.48
CA SER A 99 17.35 -1.74 -0.52
C SER A 99 16.07 -1.87 -1.34
N ALA A 100 14.91 -1.68 -0.72
CA ALA A 100 13.63 -1.71 -1.46
C ALA A 100 13.63 -0.65 -2.55
N LEU A 101 14.00 0.57 -2.19
CA LEU A 101 13.97 1.68 -3.14
C LEU A 101 15.10 1.62 -4.17
N ALA A 102 16.24 1.03 -3.80
CA ALA A 102 17.30 0.72 -4.76
C ALA A 102 16.81 -0.26 -5.84
N LYS A 103 16.07 -1.27 -5.41
CA LYS A 103 15.49 -2.25 -6.34
C LYS A 103 14.44 -1.57 -7.22
N ALA A 104 13.57 -0.75 -6.61
CA ALA A 104 12.54 -0.04 -7.38
C ALA A 104 13.18 0.87 -8.44
N ASN A 105 14.24 1.58 -8.05
N ASN A 105 14.24 1.58 -8.05
CA ASN A 105 14.94 2.48 -8.96
CA ASN A 105 14.95 2.46 -8.96
C ASN A 105 15.72 1.74 -10.05
C ASN A 105 15.67 1.70 -10.06
N GLU A 106 16.33 0.61 -9.68
CA GLU A 106 17.01 -0.27 -10.63
C GLU A 106 16.02 -0.80 -11.68
N THR A 107 14.83 -1.19 -11.23
CA THR A 107 13.81 -1.76 -12.11
C THR A 107 13.18 -0.70 -13.02
N TYR A 108 12.69 0.39 -12.39
CA TYR A 108 11.80 1.34 -13.04
C TYR A 108 12.33 2.76 -13.20
N GLY A 109 13.51 3.05 -12.65
CA GLY A 109 14.01 4.42 -12.60
C GLY A 109 14.23 5.08 -13.95
N SER A 110 14.44 4.28 -15.00
CA SER A 110 14.64 4.84 -16.33
C SER A 110 13.37 4.86 -17.19
N SER A 111 12.25 4.46 -16.60
CA SER A 111 10.97 4.54 -17.27
C SER A 111 10.70 5.97 -17.77
N PRO A 112 10.04 6.09 -18.93
CA PRO A 112 9.63 7.42 -19.38
C PRO A 112 8.65 8.08 -18.41
N LYS A 113 8.03 7.29 -17.55
CA LYS A 113 7.20 7.81 -16.47
C LYS A 113 7.98 8.39 -15.29
N ALA A 114 9.31 8.34 -15.34
CA ALA A 114 10.15 8.76 -14.19
C ALA A 114 9.94 10.21 -13.73
N GLU A 115 9.57 11.10 -14.65
N GLU A 115 9.58 11.11 -14.64
CA GLU A 115 9.26 12.49 -14.30
CA GLU A 115 9.31 12.50 -14.24
C GLU A 115 8.03 12.58 -13.40
C GLU A 115 7.99 12.62 -13.46
N TYR A 116 7.16 11.57 -13.47
CA TYR A 116 5.86 11.58 -12.80
C TYR A 116 5.80 10.75 -11.51
N PHE A 117 6.93 10.22 -11.07
CA PHE A 117 6.96 9.52 -9.79
C PHE A 117 8.26 9.79 -9.04
N SER A 118 8.22 9.54 -7.73
CA SER A 118 9.40 9.69 -6.89
C SER A 118 9.39 8.63 -5.82
N PHE A 119 10.49 7.89 -5.71
CA PHE A 119 10.67 6.94 -4.62
C PHE A 119 11.44 7.65 -3.50
N VAL A 120 10.82 7.70 -2.33
CA VAL A 120 11.27 8.53 -1.24
C VAL A 120 11.46 7.67 -0.01
N LYS A 121 12.64 7.77 0.60
CA LYS A 121 12.97 6.99 1.79
C LYS A 121 12.52 7.79 3.01
N GLU A 122 11.30 7.50 3.47
CA GLU A 122 10.68 8.20 4.57
C GLU A 122 9.69 7.30 5.30
N ASP A 123 9.39 7.67 6.54
CA ASP A 123 8.51 6.92 7.43
C ASP A 123 7.11 7.51 7.34
N VAL A 124 6.15 6.69 6.91
CA VAL A 124 4.75 7.13 6.78
C VAL A 124 4.18 7.79 8.04
N PHE A 125 4.57 7.31 9.21
CA PHE A 125 4.03 7.81 10.47
C PHE A 125 4.48 9.21 10.85
N THR A 126 5.60 9.68 10.28
CA THR A 126 6.15 10.97 10.67
C THR A 126 6.41 11.98 9.55
N TRP A 127 6.59 11.50 8.32
CA TRP A 127 6.88 12.38 7.16
C TRP A 127 5.65 13.17 6.78
N ARG A 128 5.79 14.48 6.66
CA ARG A 128 4.68 15.35 6.25
C ARG A 128 5.23 16.38 5.27
N PRO A 129 4.96 16.20 3.98
CA PRO A 129 5.42 17.20 3.02
C PRO A 129 4.54 18.44 3.07
N THR A 130 5.03 19.54 2.51
CA THR A 130 4.22 20.75 2.45
C THR A 130 3.03 20.59 1.51
N GLU A 131 3.19 19.84 0.43
CA GLU A 131 2.08 19.50 -0.49
C GLU A 131 1.54 18.12 -0.16
N LEU A 132 0.27 18.06 0.20
CA LEU A 132 -0.37 16.81 0.58
C LEU A 132 -0.98 16.09 -0.66
N PHE A 133 -1.73 15.02 -0.41
CA PHE A 133 -2.12 14.08 -1.44
C PHE A 133 -3.62 14.05 -1.68
N ASP A 134 -3.99 13.96 -2.96
CA ASP A 134 -5.37 13.74 -3.38
C ASP A 134 -5.80 12.30 -3.13
N LEU A 135 -4.83 11.40 -3.17
CA LEU A 135 -5.10 9.97 -3.13
C LEU A 135 -4.00 9.27 -2.37
N ILE A 136 -4.38 8.32 -1.52
CA ILE A 136 -3.45 7.38 -0.89
C ILE A 136 -3.95 5.97 -1.23
N PHE A 137 -3.05 5.12 -1.69
CA PHE A 137 -3.36 3.72 -1.94
C PHE A 137 -2.57 2.83 -1.00
N ASP A 138 -3.28 2.21 -0.05
CA ASP A 138 -2.68 1.29 0.92
C ASP A 138 -3.01 -0.15 0.57
N TYR A 139 -1.97 -0.93 0.30
CA TYR A 139 -2.10 -2.37 0.06
C TYR A 139 -0.86 -3.04 0.58
N VAL A 140 -1.08 -3.99 1.48
CA VAL A 140 0.02 -4.70 2.16
C VAL A 140 0.91 -3.73 2.92
N PHE A 141 0.33 -2.65 3.42
CA PHE A 141 1.03 -1.84 4.39
C PHE A 141 0.32 -1.84 5.73
N PHE A 142 -0.98 -1.59 5.73
CA PHE A 142 -1.75 -1.68 6.96
C PHE A 142 -1.50 -2.99 7.70
N CYS A 143 -1.36 -4.09 6.96
CA CYS A 143 -1.13 -5.41 7.59
C CYS A 143 0.33 -5.69 7.97
N ALA A 144 1.24 -4.82 7.52
CA ALA A 144 2.67 -5.00 7.73
C ALA A 144 3.10 -4.45 9.08
N ILE A 145 2.45 -3.37 9.47
CA ILE A 145 2.78 -2.67 10.70
C ILE A 145 2.31 -3.46 11.89
N GLU A 146 2.97 -3.25 13.03
CA GLU A 146 2.51 -3.85 14.26
C GLU A 146 1.07 -3.41 14.52
N PRO A 147 0.21 -4.34 14.97
CA PRO A 147 -1.21 -4.03 15.17
C PRO A 147 -1.50 -2.76 16.00
N GLU A 148 -0.61 -2.45 16.95
CA GLU A 148 -0.78 -1.29 17.84
C GLU A 148 -0.46 0.01 17.14
N MET A 149 0.18 -0.06 15.97
CA MET A 149 0.41 1.13 15.18
C MET A 149 -0.87 1.53 14.40
N ARG A 150 -1.96 0.77 14.50
CA ARG A 150 -3.08 0.96 13.55
C ARG A 150 -3.86 2.27 13.72
N PRO A 151 -4.15 2.67 14.97
CA PRO A 151 -4.71 4.02 15.14
C PRO A 151 -3.78 5.15 14.65
N ALA A 152 -2.47 5.00 14.85
CA ALA A 152 -1.50 5.97 14.31
C ALA A 152 -1.45 5.95 12.80
N TRP A 153 -1.65 4.78 12.21
CA TRP A 153 -1.72 4.67 10.75
C TRP A 153 -2.89 5.52 10.22
N ALA A 154 -4.03 5.39 10.89
CA ALA A 154 -5.25 6.09 10.52
C ALA A 154 -5.05 7.60 10.60
N LYS A 155 -4.43 8.09 11.67
N LYS A 155 -4.45 8.06 11.70
CA LYS A 155 -4.14 9.51 11.81
CA LYS A 155 -4.06 9.46 11.91
C LYS A 155 -3.12 10.00 10.78
C LYS A 155 -3.12 9.97 10.82
N SER A 156 -2.13 9.17 10.46
CA SER A 156 -1.23 9.48 9.36
C SER A 156 -1.97 9.58 8.02
N MET A 157 -2.90 8.67 7.74
CA MET A 157 -3.67 8.75 6.49
C MET A 157 -4.44 10.07 6.44
N TYR A 158 -5.06 10.44 7.56
CA TYR A 158 -5.80 11.70 7.64
C TYR A 158 -4.88 12.89 7.36
N GLU A 159 -3.72 12.89 8.03
CA GLU A 159 -2.79 14.01 7.96
C GLU A 159 -2.07 14.13 6.62
N LEU A 160 -1.91 13.03 5.89
CA LEU A 160 -1.21 13.06 4.61
C LEU A 160 -2.16 13.37 3.45
N LEU A 161 -3.46 13.27 3.70
CA LEU A 161 -4.48 13.62 2.68
C LEU A 161 -4.88 15.09 2.73
N LYS A 162 -5.08 15.69 1.56
CA LYS A 162 -5.74 16.98 1.46
C LYS A 162 -7.15 16.86 2.03
N PRO A 163 -7.79 18.01 2.29
CA PRO A 163 -9.16 17.93 2.87
C PRO A 163 -10.19 17.12 2.04
N ASP A 164 -10.12 17.20 0.72
CA ASP A 164 -11.03 16.40 -0.11
C ASP A 164 -10.30 15.23 -0.74
N GLY A 165 -9.29 14.71 -0.04
CA GLY A 165 -8.54 13.55 -0.49
C GLY A 165 -9.33 12.26 -0.31
N GLU A 166 -8.85 11.21 -0.96
CA GLU A 166 -9.45 9.90 -0.81
C GLU A 166 -8.42 8.88 -0.40
N LEU A 167 -8.75 8.09 0.62
CA LEU A 167 -7.95 6.94 0.98
C LEU A 167 -8.57 5.71 0.32
N ILE A 168 -7.77 5.01 -0.47
CA ILE A 168 -8.16 3.75 -1.07
C ILE A 168 -7.36 2.64 -0.39
N THR A 169 -8.08 1.77 0.31
CA THR A 169 -7.46 0.64 0.98
C THR A 169 -7.87 -0.64 0.28
N LEU A 170 -6.90 -1.40 -0.21
CA LEU A 170 -7.16 -2.77 -0.60
C LEU A 170 -6.89 -3.53 0.69
N MET A 171 -7.97 -3.81 1.39
CA MET A 171 -7.91 -4.35 2.75
C MET A 171 -7.54 -5.82 2.68
N TYR A 172 -6.36 -6.15 3.24
CA TYR A 172 -5.76 -7.47 3.13
C TYR A 172 -4.80 -7.65 4.32
N PRO A 173 -4.68 -8.89 4.84
CA PRO A 173 -5.35 -10.11 4.43
C PRO A 173 -6.54 -10.41 5.32
N ILE A 174 -7.71 -10.57 4.69
CA ILE A 174 -8.92 -10.87 5.40
C ILE A 174 -8.96 -12.40 5.58
N THR A 175 -8.34 -12.84 6.66
CA THR A 175 -8.07 -14.24 6.88
C THR A 175 -8.29 -14.54 8.35
N ASP A 176 -8.05 -15.79 8.72
CA ASP A 176 -8.22 -16.23 10.11
C ASP A 176 -6.91 -16.61 10.78
N HIS A 177 -5.78 -16.27 10.17
CA HIS A 177 -4.50 -16.79 10.67
C HIS A 177 -4.00 -16.02 11.88
N VAL A 178 -3.12 -16.68 12.63
CA VAL A 178 -2.51 -16.12 13.81
C VAL A 178 -1.09 -15.68 13.48
N GLY A 179 -0.66 -14.56 14.05
CA GLY A 179 0.71 -14.07 13.87
C GLY A 179 0.86 -13.15 12.67
N GLY A 180 2.08 -12.66 12.48
CA GLY A 180 2.36 -11.74 11.40
C GLY A 180 3.70 -11.07 11.62
N PRO A 181 4.11 -10.18 10.70
CA PRO A 181 3.37 -9.77 9.51
C PRO A 181 3.36 -10.81 8.39
N PRO A 182 2.36 -10.75 7.49
CA PRO A 182 1.20 -9.87 7.54
C PRO A 182 0.22 -10.30 8.64
N TYR A 183 -0.34 -9.32 9.35
CA TYR A 183 -1.33 -9.59 10.39
C TYR A 183 -2.71 -9.61 9.80
N LYS A 184 -3.58 -10.48 10.32
CA LYS A 184 -4.93 -10.58 9.79
C LYS A 184 -5.73 -9.30 10.05
N VAL A 185 -6.64 -9.02 9.13
CA VAL A 185 -7.51 -7.86 9.24
C VAL A 185 -8.91 -8.22 8.79
N ASP A 186 -9.87 -7.36 9.06
CA ASP A 186 -11.16 -7.42 8.41
C ASP A 186 -11.66 -6.00 8.19
N VAL A 187 -12.84 -5.86 7.60
CA VAL A 187 -13.34 -4.50 7.32
C VAL A 187 -13.48 -3.71 8.62
N SER A 188 -13.97 -4.36 9.68
CA SER A 188 -14.16 -3.68 10.97
C SER A 188 -12.86 -3.14 11.56
N THR A 189 -11.73 -3.80 11.30
CA THR A 189 -10.41 -3.33 11.75
C THR A 189 -10.09 -1.95 11.16
N PHE A 190 -10.41 -1.75 9.89
CA PHE A 190 -10.24 -0.44 9.24
C PHE A 190 -11.26 0.58 9.76
N GLU A 191 -12.53 0.17 9.81
CA GLU A 191 -13.59 1.07 10.29
C GLU A 191 -13.28 1.58 11.68
N GLU A 192 -12.76 0.70 12.54
CA GLU A 192 -12.54 1.03 13.95
C GLU A 192 -11.50 2.10 14.16
N VAL A 193 -10.56 2.24 13.23
CA VAL A 193 -9.53 3.28 13.35
C VAL A 193 -9.83 4.50 12.47
N LEU A 194 -10.55 4.31 11.37
CA LEU A 194 -10.80 5.40 10.41
C LEU A 194 -12.03 6.24 10.75
N VAL A 195 -13.10 5.58 11.19
CA VAL A 195 -14.34 6.32 11.43
C VAL A 195 -14.25 7.31 12.60
N PRO A 196 -13.68 6.89 13.74
CA PRO A 196 -13.64 7.84 14.87
C PRO A 196 -12.82 9.12 14.62
N ILE A 197 -11.92 9.12 13.64
CA ILE A 197 -11.15 10.31 13.33
C ILE A 197 -11.65 11.10 12.12
N GLY A 198 -12.81 10.70 11.60
CA GLY A 198 -13.54 11.54 10.65
C GLY A 198 -13.53 11.08 9.21
N PHE A 199 -13.22 9.82 8.97
CA PHE A 199 -13.42 9.21 7.67
C PHE A 199 -14.78 8.50 7.63
N LYS A 200 -15.32 8.42 6.43
CA LYS A 200 -16.49 7.62 6.14
C LYS A 200 -16.19 6.74 4.94
N ALA A 201 -16.62 5.49 4.99
CA ALA A 201 -16.50 4.58 3.86
C ALA A 201 -17.49 4.96 2.77
N VAL A 202 -16.99 5.21 1.56
CA VAL A 202 -17.86 5.40 0.41
C VAL A 202 -18.45 4.05 0.02
N SER A 203 -17.59 3.04 -0.05
CA SER A 203 -18.03 1.71 -0.41
C SER A 203 -16.96 0.70 -0.06
N VAL A 204 -17.40 -0.54 0.09
CA VAL A 204 -16.53 -1.70 0.27
C VAL A 204 -17.00 -2.73 -0.73
N GLU A 205 -16.06 -3.26 -1.51
CA GLU A 205 -16.38 -4.11 -2.64
C GLU A 205 -15.38 -5.24 -2.76
N GLU A 206 -15.82 -6.31 -3.42
CA GLU A 206 -14.92 -7.41 -3.73
C GLU A 206 -13.90 -6.97 -4.76
N ASN A 207 -12.74 -7.61 -4.76
CA ASN A 207 -11.76 -7.42 -5.81
C ASN A 207 -11.85 -8.60 -6.79
N PRO A 208 -12.56 -8.43 -7.91
CA PRO A 208 -12.63 -9.53 -8.88
C PRO A 208 -11.32 -9.81 -9.63
N HIS A 209 -10.30 -8.97 -9.41
CA HIS A 209 -8.99 -9.17 -10.02
C HIS A 209 -7.96 -9.69 -9.03
N ALA A 210 -8.42 -10.22 -7.91
CA ALA A 210 -7.52 -10.82 -6.92
C ALA A 210 -6.76 -12.00 -7.51
N ILE A 211 -5.47 -12.08 -7.20
CA ILE A 211 -4.67 -13.25 -7.59
C ILE A 211 -5.14 -14.45 -6.75
N PRO A 212 -4.89 -15.69 -7.21
CA PRO A 212 -5.52 -16.86 -6.57
C PRO A 212 -5.25 -17.03 -5.07
N THR A 213 -4.02 -16.74 -4.65
CA THR A 213 -3.65 -16.83 -3.24
C THR A 213 -4.30 -15.74 -2.37
N ARG A 214 -4.90 -14.73 -3.00
CA ARG A 214 -5.55 -13.64 -2.26
C ARG A 214 -7.04 -13.52 -2.51
N LYS A 215 -7.56 -14.38 -3.39
CA LYS A 215 -8.99 -14.40 -3.71
C LYS A 215 -9.76 -14.70 -2.45
N GLY A 216 -10.78 -13.89 -2.18
CA GLY A 216 -11.56 -14.01 -0.96
C GLY A 216 -10.85 -13.53 0.30
N LYS A 217 -9.65 -12.97 0.15
CA LYS A 217 -8.88 -12.47 1.29
C LYS A 217 -8.60 -10.96 1.22
N GLU A 218 -9.28 -10.27 0.31
CA GLU A 218 -9.13 -8.83 0.24
C GLU A 218 -10.37 -8.17 -0.32
N LYS A 219 -10.63 -6.95 0.15
CA LYS A 219 -11.72 -6.14 -0.35
C LYS A 219 -11.24 -4.70 -0.55
N LEU A 220 -11.80 -4.05 -1.57
CA LEU A 220 -11.48 -2.67 -1.88
C LEU A 220 -12.39 -1.73 -1.11
N GLY A 221 -11.78 -0.80 -0.39
CA GLY A 221 -12.49 0.30 0.28
C GLY A 221 -12.01 1.67 -0.16
N ARG A 222 -12.98 2.58 -0.27
CA ARG A 222 -12.75 4.00 -0.54
C ARG A 222 -13.29 4.79 0.65
N TRP A 223 -12.44 5.67 1.18
CA TRP A 223 -12.74 6.45 2.35
C TRP A 223 -12.53 7.94 2.07
N LYS A 224 -13.46 8.74 2.57
CA LYS A 224 -13.43 10.21 2.43
C LYS A 224 -13.60 10.86 3.80
N LYS A 225 -13.08 12.06 3.94
CA LYS A 225 -13.29 12.84 5.17
C LYS A 225 -14.73 13.38 5.19
N ILE A 226 -15.38 13.25 6.34
CA ILE A 226 -16.78 13.67 6.47
C ILE A 226 -16.96 15.19 6.47
N ASN A 227 -15.93 15.92 6.88
CA ASN A 227 -15.96 17.38 6.86
C ASN A 227 -14.87 17.97 5.99
N LEU A 228 -15.26 18.91 5.15
CA LEU A 228 -14.35 19.57 4.24
C LEU A 228 -13.84 20.88 4.83
#